data_2OP7
#
_entry.id   2OP7
#
_cell.length_a   1.000
_cell.length_b   1.000
_cell.length_c   1.000
_cell.angle_alpha   90.00
_cell.angle_beta   90.00
_cell.angle_gamma   90.00
#
_symmetry.space_group_name_H-M   'P 1'
#
_entity_poly.entity_id   1
_entity_poly.type   'polypeptide(L)'
_entity_poly.pdbx_seq_one_letter_code
;NEEPLPEGWEIRYTREGVRYFVDHNTRTTTFKDPRNGKS
;
_entity_poly.pdbx_strand_id   A
#
# COMPACT_ATOMS: atom_id res chain seq x y z
N ASN A 1 5.80 -2.43 -3.39
CA ASN A 1 6.97 -1.58 -3.25
C ASN A 1 8.13 -2.41 -2.67
N GLU A 2 7.96 -2.84 -1.44
CA GLU A 2 8.97 -3.64 -0.77
C GLU A 2 8.62 -5.13 -0.88
N GLU A 3 7.69 -5.55 -0.04
CA GLU A 3 7.26 -6.94 -0.04
C GLU A 3 6.42 -7.24 -1.29
N PRO A 4 6.61 -8.48 -1.81
CA PRO A 4 5.88 -8.91 -2.99
C PRO A 4 4.43 -9.24 -2.64
N LEU A 5 3.76 -8.26 -2.06
CA LEU A 5 2.36 -8.44 -1.68
C LEU A 5 2.16 -9.86 -1.15
N PRO A 6 3.00 -10.22 -0.15
CA PRO A 6 2.91 -11.55 0.45
C PRO A 6 1.70 -11.66 1.37
N GLU A 7 1.76 -12.65 2.24
CA GLU A 7 0.67 -12.88 3.18
C GLU A 7 0.85 -12.01 4.43
N GLY A 8 2.08 -12.02 4.94
CA GLY A 8 2.39 -11.23 6.12
C GLY A 8 1.83 -9.82 6.01
N TRP A 9 2.33 -9.10 5.02
CA TRP A 9 1.89 -7.73 4.79
C TRP A 9 1.58 -7.57 3.30
N GLU A 10 0.78 -6.57 3.00
CA GLU A 10 0.39 -6.30 1.62
C GLU A 10 0.71 -4.85 1.26
N ILE A 11 1.43 -4.69 0.15
CA ILE A 11 1.81 -3.37 -0.32
C ILE A 11 1.23 -3.15 -1.73
N ARG A 12 0.41 -2.13 -1.85
CA ARG A 12 -0.20 -1.79 -3.12
C ARG A 12 0.32 -0.45 -3.64
N TYR A 13 0.62 -0.42 -4.93
CA TYR A 13 1.13 0.79 -5.54
C TYR A 13 0.14 1.33 -6.59
N THR A 14 0.18 2.64 -6.79
CA THR A 14 -0.70 3.28 -7.74
C THR A 14 0.05 4.37 -8.50
N ARG A 15 0.26 5.48 -7.82
CA ARG A 15 0.96 6.61 -8.42
C ARG A 15 2.47 6.46 -8.23
N GLU A 16 3.20 7.44 -8.74
CA GLU A 16 4.65 7.43 -8.63
C GLU A 16 5.08 6.75 -7.33
N GLY A 17 4.62 7.32 -6.23
CA GLY A 17 4.94 6.78 -4.91
C GLY A 17 3.77 6.93 -3.95
N VAL A 18 2.58 6.72 -4.49
CA VAL A 18 1.37 6.83 -3.68
C VAL A 18 1.04 5.47 -3.07
N ARG A 19 1.82 4.47 -3.47
CA ARG A 19 1.63 3.12 -2.97
C ARG A 19 1.39 3.15 -1.46
N TYR A 20 0.90 2.04 -0.95
CA TYR A 20 0.62 1.91 0.47
C TYR A 20 0.90 0.50 0.97
N PHE A 21 0.93 0.37 2.28
CA PHE A 21 1.18 -0.94 2.90
C PHE A 21 0.07 -1.29 3.91
N VAL A 22 -0.18 -2.59 4.02
CA VAL A 22 -1.19 -3.06 4.94
C VAL A 22 -0.78 -4.43 5.50
N ASP A 23 -0.44 -4.43 6.78
CA ASP A 23 -0.02 -5.64 7.44
C ASP A 23 -1.25 -6.48 7.79
N HIS A 24 -1.02 -7.77 7.97
CA HIS A 24 -2.10 -8.68 8.32
C HIS A 24 -3.03 -8.02 9.33
N ASN A 25 -2.45 -7.12 10.12
CA ASN A 25 -3.21 -6.41 11.13
C ASN A 25 -2.94 -4.91 11.00
N THR A 26 -3.87 -4.13 11.53
CA THR A 26 -3.74 -2.68 11.48
C THR A 26 -2.42 -2.25 12.12
N ARG A 27 -1.66 -3.24 12.55
CA ARG A 27 -0.37 -2.97 13.17
C ARG A 27 0.51 -2.14 12.25
N THR A 28 0.45 -2.48 10.96
CA THR A 28 1.23 -1.78 9.96
C THR A 28 0.41 -1.55 8.69
N THR A 29 -0.13 -0.34 8.57
CA THR A 29 -0.93 0.01 7.42
C THR A 29 -0.57 1.41 6.92
N THR A 30 0.09 1.43 5.77
CA THR A 30 0.50 2.70 5.18
C THR A 30 -0.55 3.18 4.17
N PHE A 31 -1.05 4.38 4.41
CA PHE A 31 -2.05 4.96 3.53
C PHE A 31 -1.53 6.25 2.89
N LYS A 32 -1.49 6.22 1.56
CA LYS A 32 -1.02 7.38 0.81
C LYS A 32 -2.22 8.08 0.16
N ASP A 33 -1.97 9.31 -0.29
CA ASP A 33 -3.02 10.09 -0.93
C ASP A 33 -3.75 9.22 -1.94
N PRO A 34 -5.09 9.44 -2.03
CA PRO A 34 -5.92 8.68 -2.95
C PRO A 34 -5.71 9.16 -4.39
N ARG A 35 -4.46 9.14 -4.81
CA ARG A 35 -4.11 9.56 -6.16
C ARG A 35 -4.64 8.56 -7.18
N ASN A 36 -4.84 7.33 -6.71
CA ASN A 36 -5.34 6.28 -7.58
C ASN A 36 -6.71 6.68 -8.13
N GLY A 37 -7.30 7.68 -7.50
CA GLY A 37 -8.60 8.17 -7.91
C GLY A 37 -8.48 9.13 -9.10
N LYS A 38 -7.57 8.79 -10.00
CA LYS A 38 -7.35 9.61 -11.18
C LYS A 38 -8.67 10.24 -11.62
N SER A 39 -8.65 11.56 -11.71
CA SER A 39 -9.83 12.30 -12.12
C SER A 39 -10.02 12.21 -13.63
N ASN A 1 7.25 -0.31 -3.36
CA ASN A 1 6.84 -1.52 -2.66
C ASN A 1 8.08 -2.37 -2.35
N GLU A 2 8.11 -2.90 -1.14
CA GLU A 2 9.21 -3.73 -0.71
C GLU A 2 8.84 -5.21 -0.80
N GLU A 3 7.70 -5.54 -0.21
CA GLU A 3 7.21 -6.91 -0.21
C GLU A 3 6.30 -7.15 -1.41
N PRO A 4 6.43 -8.37 -1.99
CA PRO A 4 5.62 -8.73 -3.15
C PRO A 4 4.18 -9.03 -2.74
N LEU A 5 3.58 -8.08 -2.05
CA LEU A 5 2.21 -8.23 -1.60
C LEU A 5 1.99 -9.66 -1.12
N PRO A 6 2.88 -10.11 -0.19
CA PRO A 6 2.79 -11.46 0.35
C PRO A 6 1.63 -11.58 1.34
N GLU A 7 1.72 -12.61 2.17
CA GLU A 7 0.68 -12.85 3.17
C GLU A 7 0.91 -11.96 4.39
N GLY A 8 2.15 -11.95 4.85
CA GLY A 8 2.52 -11.15 6.00
C GLY A 8 1.89 -9.75 5.93
N TRP A 9 2.30 -9.02 4.90
CA TRP A 9 1.80 -7.67 4.71
C TRP A 9 1.48 -7.50 3.22
N GLU A 10 0.65 -6.51 2.93
CA GLU A 10 0.27 -6.24 1.55
C GLU A 10 0.65 -4.80 1.17
N ILE A 11 1.39 -4.69 0.09
CA ILE A 11 1.83 -3.39 -0.39
C ILE A 11 1.30 -3.17 -1.82
N ARG A 12 0.65 -2.03 -2.00
CA ARG A 12 0.10 -1.70 -3.30
C ARG A 12 0.35 -0.22 -3.61
N TYR A 13 0.66 0.05 -4.88
CA TYR A 13 0.91 1.41 -5.31
C TYR A 13 0.09 1.75 -6.55
N THR A 14 -0.04 3.04 -6.81
CA THR A 14 -0.79 3.52 -7.95
C THR A 14 -0.10 4.73 -8.58
N ARG A 15 0.34 5.63 -7.72
CA ARG A 15 1.01 6.84 -8.18
C ARG A 15 2.54 6.64 -8.15
N GLU A 16 3.25 7.69 -8.55
CA GLU A 16 4.70 7.64 -8.58
C GLU A 16 5.22 6.88 -7.36
N GLY A 17 4.93 7.43 -6.18
CA GLY A 17 5.37 6.82 -4.94
C GLY A 17 4.24 6.81 -3.90
N VAL A 18 3.06 6.47 -4.37
CA VAL A 18 1.90 6.43 -3.50
C VAL A 18 1.80 5.04 -2.87
N ARG A 19 2.71 4.17 -3.26
CA ARG A 19 2.74 2.81 -2.74
C ARG A 19 2.32 2.80 -1.27
N TYR A 20 1.33 1.99 -0.97
CA TYR A 20 0.83 1.87 0.40
C TYR A 20 1.04 0.46 0.93
N PHE A 21 0.94 0.35 2.25
CA PHE A 21 1.11 -0.94 2.90
C PHE A 21 -0.02 -1.21 3.89
N VAL A 22 -0.43 -2.47 3.95
CA VAL A 22 -1.50 -2.88 4.85
C VAL A 22 -1.22 -4.28 5.36
N ASP A 23 -0.75 -4.33 6.61
CA ASP A 23 -0.44 -5.61 7.23
C ASP A 23 -1.74 -6.31 7.64
N HIS A 24 -1.68 -7.63 7.67
CA HIS A 24 -2.84 -8.42 8.04
C HIS A 24 -3.58 -7.74 9.21
N ASN A 25 -2.81 -7.01 10.00
CA ASN A 25 -3.36 -6.31 11.15
C ASN A 25 -2.96 -4.84 11.09
N THR A 26 -3.72 -4.01 11.80
CA THR A 26 -3.44 -2.59 11.84
C THR A 26 -2.00 -2.33 12.29
N ARG A 27 -1.28 -3.43 12.51
CA ARG A 27 0.10 -3.34 12.93
C ARG A 27 0.90 -2.45 11.97
N THR A 28 0.67 -2.67 10.68
CA THR A 28 1.34 -1.91 9.66
C THR A 28 0.39 -1.57 8.51
N THR A 29 -0.12 -0.34 8.54
CA THR A 29 -1.04 0.11 7.51
C THR A 29 -0.63 1.49 7.01
N THR A 30 -0.04 1.50 5.82
CA THR A 30 0.40 2.74 5.21
C THR A 30 -0.66 3.28 4.26
N PHE A 31 -1.05 4.53 4.49
CA PHE A 31 -2.06 5.17 3.67
C PHE A 31 -1.47 6.33 2.89
N LYS A 32 -1.55 6.24 1.57
CA LYS A 32 -1.02 7.27 0.70
C LYS A 32 -2.19 8.05 0.07
N ASP A 33 -1.87 9.21 -0.47
CA ASP A 33 -2.87 10.05 -1.10
C ASP A 33 -3.74 9.20 -2.02
N PRO A 34 -5.04 9.56 -2.09
CA PRO A 34 -5.98 8.84 -2.93
C PRO A 34 -5.78 9.19 -4.40
N ARG A 35 -4.54 9.06 -4.84
CA ARG A 35 -4.20 9.35 -6.23
C ARG A 35 -4.77 8.28 -7.15
N ASN A 36 -4.98 7.10 -6.58
CA ASN A 36 -5.53 5.99 -7.35
C ASN A 36 -6.90 6.38 -7.88
N GLY A 37 -7.45 7.43 -7.31
CA GLY A 37 -8.77 7.91 -7.73
C GLY A 37 -8.66 8.77 -8.99
N LYS A 38 -7.81 8.33 -9.90
CA LYS A 38 -7.62 9.04 -11.15
C LYS A 38 -8.94 9.67 -11.59
N SER A 39 -8.89 10.99 -11.77
CA SER A 39 -10.07 11.72 -12.19
C SER A 39 -10.15 11.76 -13.71
N ASN A 1 5.65 -2.49 -3.64
CA ASN A 1 6.84 -1.67 -3.49
C ASN A 1 7.99 -2.53 -2.98
N GLU A 2 7.83 -3.00 -1.76
CA GLU A 2 8.85 -3.84 -1.13
C GLU A 2 8.46 -5.31 -1.24
N GLU A 3 7.55 -5.72 -0.37
CA GLU A 3 7.09 -7.10 -0.36
C GLU A 3 6.19 -7.37 -1.57
N PRO A 4 6.29 -8.61 -2.10
CA PRO A 4 5.49 -9.00 -3.25
C PRO A 4 4.04 -9.25 -2.85
N LEU A 5 3.44 -8.25 -2.22
CA LEU A 5 2.06 -8.35 -1.78
C LEU A 5 1.80 -9.77 -1.27
N PRO A 6 2.65 -10.20 -0.30
CA PRO A 6 2.52 -11.52 0.28
C PRO A 6 1.34 -11.59 1.24
N GLU A 7 1.36 -12.60 2.10
CA GLU A 7 0.29 -12.78 3.07
C GLU A 7 0.56 -11.92 4.32
N GLY A 8 1.77 -12.04 4.84
CA GLY A 8 2.16 -11.28 6.01
C GLY A 8 1.80 -9.81 5.86
N TRP A 9 2.52 -9.15 4.97
CA TRP A 9 2.29 -7.73 4.70
C TRP A 9 1.79 -7.59 3.26
N GLU A 10 1.18 -6.45 3.00
CA GLU A 10 0.65 -6.18 1.68
C GLU A 10 0.93 -4.72 1.28
N ILE A 11 1.66 -4.57 0.19
CA ILE A 11 2.00 -3.25 -0.31
C ILE A 11 1.45 -3.08 -1.72
N ARG A 12 0.61 -2.05 -1.87
CA ARG A 12 0.01 -1.77 -3.16
C ARG A 12 0.43 -0.38 -3.65
N TYR A 13 0.70 -0.30 -4.95
CA TYR A 13 1.11 0.96 -5.55
C TYR A 13 0.13 1.40 -6.64
N THR A 14 0.07 2.70 -6.86
CA THR A 14 -0.81 3.25 -7.87
C THR A 14 -0.13 4.40 -8.61
N ARG A 15 0.16 5.46 -7.86
CA ARG A 15 0.81 6.62 -8.43
C ARG A 15 2.33 6.54 -8.22
N GLU A 16 3.02 7.56 -8.70
CA GLU A 16 4.46 7.62 -8.57
C GLU A 16 4.91 7.02 -7.23
N GLY A 17 4.33 7.56 -6.17
CA GLY A 17 4.65 7.10 -4.82
C GLY A 17 3.43 7.19 -3.91
N VAL A 18 2.27 6.90 -4.49
CA VAL A 18 1.03 6.95 -3.75
C VAL A 18 0.76 5.57 -3.13
N ARG A 19 1.61 4.62 -3.49
CA ARG A 19 1.48 3.27 -2.98
C ARG A 19 1.27 3.29 -1.46
N TYR A 20 0.79 2.16 -0.95
CA TYR A 20 0.55 2.03 0.47
C TYR A 20 0.84 0.62 0.95
N PHE A 21 0.89 0.47 2.27
CA PHE A 21 1.16 -0.83 2.87
C PHE A 21 0.08 -1.19 3.89
N VAL A 22 -0.18 -2.50 3.99
CA VAL A 22 -1.18 -2.99 4.91
C VAL A 22 -0.74 -4.35 5.45
N ASP A 23 -0.34 -4.35 6.71
CA ASP A 23 0.10 -5.57 7.37
C ASP A 23 -1.10 -6.44 7.69
N HIS A 24 -0.83 -7.74 7.83
CA HIS A 24 -1.89 -8.69 8.13
C HIS A 24 -2.88 -8.06 9.13
N ASN A 25 -2.34 -7.17 9.95
CA ASN A 25 -3.16 -6.50 10.95
C ASN A 25 -2.92 -4.99 10.87
N THR A 26 -3.89 -4.24 11.37
CA THR A 26 -3.81 -2.80 11.35
C THR A 26 -2.51 -2.33 12.02
N ARG A 27 -1.72 -3.30 12.46
CA ARG A 27 -0.46 -3.01 13.12
C ARG A 27 0.41 -2.14 12.22
N THR A 28 0.38 -2.45 10.93
CA THR A 28 1.16 -1.70 9.97
C THR A 28 0.35 -1.46 8.68
N THR A 29 -0.19 -0.25 8.57
CA THR A 29 -0.99 0.10 7.42
C THR A 29 -0.61 1.51 6.93
N THR A 30 0.03 1.54 5.77
CA THR A 30 0.44 2.80 5.19
C THR A 30 -0.60 3.30 4.19
N PHE A 31 -1.07 4.52 4.42
CA PHE A 31 -2.07 5.12 3.56
C PHE A 31 -1.53 6.37 2.87
N LYS A 32 -1.67 6.39 1.55
CA LYS A 32 -1.19 7.52 0.77
C LYS A 32 -2.39 8.35 0.31
N ASP A 33 -2.09 9.56 -0.15
CA ASP A 33 -3.13 10.46 -0.63
C ASP A 33 -4.08 9.69 -1.55
N PRO A 34 -5.25 10.32 -1.82
CA PRO A 34 -6.25 9.72 -2.67
C PRO A 34 -5.83 9.80 -4.14
N ARG A 35 -4.62 10.28 -4.35
CA ARG A 35 -4.09 10.42 -5.70
C ARG A 35 -4.21 9.09 -6.46
N ASN A 36 -4.27 8.02 -5.69
CA ASN A 36 -4.39 6.69 -6.28
C ASN A 36 -5.74 6.58 -7.00
N GLY A 37 -6.60 7.55 -6.73
CA GLY A 37 -7.91 7.58 -7.35
C GLY A 37 -7.85 8.21 -8.75
N LYS A 38 -6.79 7.87 -9.46
CA LYS A 38 -6.59 8.39 -10.80
C LYS A 38 -7.96 8.57 -11.48
N SER A 39 -8.07 9.65 -12.24
CA SER A 39 -9.31 9.95 -12.93
C SER A 39 -9.07 9.97 -14.44
N ASN A 1 7.17 -1.16 -3.62
CA ASN A 1 6.79 -2.23 -2.70
C ASN A 1 8.01 -3.13 -2.45
N GLU A 2 8.28 -3.37 -1.18
CA GLU A 2 9.41 -4.20 -0.80
C GLU A 2 9.02 -5.68 -0.86
N GLU A 3 7.88 -5.99 -0.26
CA GLU A 3 7.39 -7.35 -0.25
C GLU A 3 6.48 -7.61 -1.45
N PRO A 4 6.53 -8.87 -1.96
CA PRO A 4 5.72 -9.25 -3.10
C PRO A 4 4.26 -9.43 -2.71
N LEU A 5 3.71 -8.38 -2.09
CA LEU A 5 2.32 -8.41 -1.66
C LEU A 5 1.98 -9.81 -1.14
N PRO A 6 2.81 -10.28 -0.16
CA PRO A 6 2.60 -11.60 0.41
C PRO A 6 1.40 -11.59 1.37
N GLU A 7 1.37 -12.60 2.23
CA GLU A 7 0.30 -12.73 3.20
C GLU A 7 0.60 -11.87 4.43
N GLY A 8 1.83 -11.98 4.90
CA GLY A 8 2.25 -11.23 6.07
C GLY A 8 1.91 -9.75 5.92
N TRP A 9 2.52 -9.12 4.91
CA TRP A 9 2.29 -7.72 4.65
C TRP A 9 1.80 -7.59 3.21
N GLU A 10 1.17 -6.45 2.94
CA GLU A 10 0.66 -6.18 1.61
C GLU A 10 0.91 -4.72 1.22
N ILE A 11 1.64 -4.54 0.12
CA ILE A 11 1.96 -3.21 -0.36
C ILE A 11 1.41 -3.04 -1.77
N ARG A 12 0.54 -2.04 -1.91
CA ARG A 12 -0.06 -1.76 -3.20
C ARG A 12 0.38 -0.39 -3.72
N TYR A 13 0.75 -0.36 -4.99
CA TYR A 13 1.20 0.88 -5.61
C TYR A 13 0.22 1.33 -6.70
N THR A 14 0.16 2.64 -6.89
CA THR A 14 -0.72 3.21 -7.90
C THR A 14 -0.02 4.37 -8.62
N ARG A 15 -0.19 5.56 -8.06
CA ARG A 15 0.40 6.75 -8.64
C ARG A 15 1.92 6.71 -8.47
N GLU A 16 2.56 7.77 -8.94
CA GLU A 16 4.01 7.88 -8.85
C GLU A 16 4.51 7.19 -7.57
N GLY A 17 4.05 7.70 -6.44
CA GLY A 17 4.44 7.15 -5.16
C GLY A 17 3.28 7.21 -4.15
N VAL A 18 2.10 6.89 -4.66
CA VAL A 18 0.90 6.91 -3.82
C VAL A 18 0.72 5.54 -3.18
N ARG A 19 1.58 4.61 -3.58
CA ARG A 19 1.52 3.25 -3.06
C ARG A 19 1.28 3.29 -1.54
N TYR A 20 0.86 2.14 -1.02
CA TYR A 20 0.60 2.03 0.40
C TYR A 20 0.88 0.62 0.91
N PHE A 21 0.94 0.48 2.22
CA PHE A 21 1.20 -0.80 2.84
C PHE A 21 0.10 -1.18 3.83
N VAL A 22 -0.14 -2.48 3.93
CA VAL A 22 -1.16 -2.98 4.83
C VAL A 22 -0.73 -4.34 5.38
N ASP A 23 -0.35 -4.34 6.65
CA ASP A 23 0.10 -5.55 7.31
C ASP A 23 -1.12 -6.43 7.62
N HIS A 24 -0.85 -7.72 7.76
CA HIS A 24 -1.91 -8.67 8.05
C HIS A 24 -2.90 -8.05 9.05
N ASN A 25 -2.37 -7.16 9.87
CA ASN A 25 -3.19 -6.49 10.87
C ASN A 25 -2.98 -4.98 10.77
N THR A 26 -3.96 -4.24 11.26
CA THR A 26 -3.89 -2.79 11.23
C THR A 26 -2.62 -2.30 11.92
N ARG A 27 -1.83 -3.26 12.38
CA ARG A 27 -0.58 -2.94 13.06
C ARG A 27 0.30 -2.08 12.16
N THR A 28 0.30 -2.41 10.88
CA THR A 28 1.09 -1.69 9.91
C THR A 28 0.30 -1.46 8.63
N THR A 29 -0.23 -0.25 8.50
CA THR A 29 -1.01 0.10 7.33
C THR A 29 -0.64 1.51 6.84
N THR A 30 0.04 1.54 5.71
CA THR A 30 0.45 2.81 5.13
C THR A 30 -0.58 3.30 4.10
N PHE A 31 -1.07 4.49 4.34
CA PHE A 31 -2.06 5.08 3.44
C PHE A 31 -1.53 6.37 2.80
N LYS A 32 -1.65 6.44 1.49
CA LYS A 32 -1.19 7.60 0.75
C LYS A 32 -2.39 8.43 0.29
N ASP A 33 -2.12 9.66 -0.10
CA ASP A 33 -3.17 10.56 -0.56
C ASP A 33 -4.07 9.81 -1.53
N PRO A 34 -5.28 10.41 -1.77
CA PRO A 34 -6.24 9.81 -2.67
C PRO A 34 -5.82 9.99 -4.13
N ARG A 35 -4.52 10.05 -4.33
CA ARG A 35 -3.97 10.22 -5.67
C ARG A 35 -4.20 8.96 -6.50
N ASN A 36 -4.24 7.83 -5.81
CA ASN A 36 -4.46 6.55 -6.47
C ASN A 36 -5.80 6.57 -7.19
N GLY A 37 -6.62 7.55 -6.82
CA GLY A 37 -7.93 7.69 -7.42
C GLY A 37 -7.85 8.40 -8.76
N LYS A 38 -6.82 8.06 -9.52
CA LYS A 38 -6.62 8.66 -10.83
C LYS A 38 -7.96 8.95 -11.48
N SER A 39 -8.19 10.22 -11.77
CA SER A 39 -9.44 10.64 -12.38
C SER A 39 -9.53 10.07 -13.80
N ASN A 1 7.07 -0.58 -3.27
CA ASN A 1 6.59 -1.84 -2.75
C ASN A 1 7.77 -2.79 -2.53
N GLU A 2 8.11 -2.98 -1.26
CA GLU A 2 9.22 -3.84 -0.91
C GLU A 2 8.81 -5.32 -1.02
N GLU A 3 7.69 -5.63 -0.39
CA GLU A 3 7.18 -6.99 -0.41
C GLU A 3 6.13 -7.14 -1.53
N PRO A 4 6.21 -8.31 -2.22
CA PRO A 4 5.28 -8.58 -3.31
C PRO A 4 3.90 -8.95 -2.76
N LEU A 5 3.41 -8.12 -1.85
CA LEU A 5 2.11 -8.36 -1.25
C LEU A 5 1.88 -9.86 -1.11
N PRO A 6 2.81 -10.52 -0.37
CA PRO A 6 2.71 -11.95 -0.14
C PRO A 6 1.62 -12.28 0.88
N GLU A 7 2.06 -12.52 2.10
CA GLU A 7 1.14 -12.84 3.17
C GLU A 7 1.37 -11.92 4.37
N GLY A 8 2.60 -11.90 4.83
CA GLY A 8 2.97 -11.06 5.96
C GLY A 8 2.22 -9.73 5.92
N TRP A 9 2.56 -8.93 4.90
CA TRP A 9 1.94 -7.62 4.74
C TRP A 9 1.63 -7.44 3.25
N GLU A 10 0.69 -6.54 2.98
CA GLU A 10 0.29 -6.26 1.61
C GLU A 10 0.61 -4.81 1.26
N ILE A 11 1.36 -4.65 0.17
CA ILE A 11 1.74 -3.33 -0.29
C ILE A 11 1.22 -3.11 -1.70
N ARG A 12 0.41 -2.07 -1.85
CA ARG A 12 -0.17 -1.76 -3.15
C ARG A 12 0.33 -0.39 -3.62
N TYR A 13 0.63 -0.33 -4.92
CA TYR A 13 1.11 0.91 -5.50
C TYR A 13 0.19 1.37 -6.64
N THR A 14 0.19 2.68 -6.86
CA THR A 14 -0.64 3.26 -7.90
C THR A 14 0.13 4.38 -8.61
N ARG A 15 0.38 5.45 -7.86
CA ARG A 15 1.09 6.60 -8.41
C ARG A 15 2.60 6.46 -8.15
N GLU A 16 3.34 7.45 -8.63
CA GLU A 16 4.78 7.45 -8.45
C GLU A 16 5.16 6.82 -7.11
N GLY A 17 4.61 7.39 -6.05
CA GLY A 17 4.88 6.91 -4.71
C GLY A 17 3.64 7.04 -3.82
N VAL A 18 2.48 6.81 -4.44
CA VAL A 18 1.22 6.91 -3.71
C VAL A 18 0.89 5.54 -3.11
N ARG A 19 1.72 4.56 -3.43
CA ARG A 19 1.53 3.22 -2.93
C ARG A 19 1.28 3.24 -1.42
N TYR A 20 0.82 2.10 -0.91
CA TYR A 20 0.54 1.99 0.51
C TYR A 20 0.81 0.56 1.00
N PHE A 21 0.84 0.42 2.32
CA PHE A 21 1.08 -0.87 2.92
C PHE A 21 -0.01 -1.22 3.95
N VAL A 22 -0.30 -2.51 4.04
CA VAL A 22 -1.31 -2.98 4.98
C VAL A 22 -0.90 -4.35 5.51
N ASP A 23 -0.55 -4.36 6.79
CA ASP A 23 -0.14 -5.60 7.43
C ASP A 23 -1.37 -6.41 7.81
N HIS A 24 -1.18 -7.71 7.92
CA HIS A 24 -2.27 -8.62 8.27
C HIS A 24 -3.14 -7.96 9.34
N ASN A 25 -2.51 -7.11 10.14
CA ASN A 25 -3.22 -6.41 11.21
C ASN A 25 -2.93 -4.92 11.11
N THR A 26 -3.82 -4.13 11.69
CA THR A 26 -3.68 -2.68 11.68
C THR A 26 -2.31 -2.29 12.24
N ARG A 27 -1.53 -3.30 12.60
CA ARG A 27 -0.20 -3.06 13.15
C ARG A 27 0.62 -2.19 12.19
N THR A 28 0.51 -2.51 10.91
CA THR A 28 1.24 -1.76 9.90
C THR A 28 0.34 -1.50 8.68
N THR A 29 -0.18 -0.29 8.63
CA THR A 29 -1.05 0.11 7.53
C THR A 29 -0.67 1.50 7.01
N THR A 30 -0.01 1.50 5.86
CA THR A 30 0.42 2.75 5.25
C THR A 30 -0.63 3.23 4.24
N PHE A 31 -1.10 4.45 4.47
CA PHE A 31 -2.10 5.04 3.59
C PHE A 31 -1.55 6.29 2.91
N LYS A 32 -1.53 6.26 1.59
CA LYS A 32 -1.05 7.38 0.82
C LYS A 32 -2.23 8.11 0.18
N ASP A 33 -1.97 9.33 -0.28
CA ASP A 33 -3.00 10.14 -0.90
C ASP A 33 -3.75 9.29 -1.94
N PRO A 34 -5.07 9.59 -2.08
CA PRO A 34 -5.90 8.87 -3.02
C PRO A 34 -5.60 9.29 -4.46
N ARG A 35 -4.33 9.25 -4.81
CA ARG A 35 -3.90 9.62 -6.14
C ARG A 35 -4.35 8.57 -7.16
N ASN A 36 -4.54 7.36 -6.67
CA ASN A 36 -4.98 6.27 -7.53
C ASN A 36 -6.38 6.57 -8.05
N GLY A 37 -6.99 7.59 -7.47
CA GLY A 37 -8.34 7.99 -7.88
C GLY A 37 -8.29 8.88 -9.11
N LYS A 38 -7.36 8.56 -10.00
CA LYS A 38 -7.21 9.32 -11.23
C LYS A 38 -8.58 9.81 -11.70
N SER A 39 -8.70 11.13 -11.78
CA SER A 39 -9.95 11.74 -12.20
C SER A 39 -10.21 11.41 -13.67
N ASN A 1 7.29 -0.91 -3.14
CA ASN A 1 6.80 -2.10 -2.45
C ASN A 1 8.00 -2.97 -2.04
N GLU A 2 8.11 -3.20 -0.74
CA GLU A 2 9.19 -4.00 -0.21
C GLU A 2 8.86 -5.49 -0.34
N GLU A 3 7.67 -5.85 0.11
CA GLU A 3 7.21 -7.23 0.05
C GLU A 3 6.45 -7.47 -1.25
N PRO A 4 6.56 -8.73 -1.74
CA PRO A 4 5.88 -9.12 -2.97
C PRO A 4 4.38 -9.30 -2.74
N LEU A 5 3.77 -8.26 -2.20
CA LEU A 5 2.33 -8.31 -1.92
C LEU A 5 1.95 -9.72 -1.46
N PRO A 6 2.65 -10.19 -0.40
CA PRO A 6 2.38 -11.52 0.13
C PRO A 6 1.07 -11.55 0.93
N GLU A 7 0.93 -12.57 1.75
CA GLU A 7 -0.25 -12.72 2.57
C GLU A 7 -0.12 -11.91 3.86
N GLY A 8 1.04 -12.03 4.48
CA GLY A 8 1.31 -11.31 5.71
C GLY A 8 1.10 -9.81 5.53
N TRP A 9 1.97 -9.22 4.71
CA TRP A 9 1.90 -7.79 4.44
C TRP A 9 1.44 -7.61 3.00
N GLU A 10 0.91 -6.42 2.72
CA GLU A 10 0.42 -6.11 1.40
C GLU A 10 0.74 -4.65 1.04
N ILE A 11 1.50 -4.50 -0.03
CA ILE A 11 1.88 -3.18 -0.48
C ILE A 11 1.38 -2.95 -1.92
N ARG A 12 0.57 -1.92 -2.07
CA ARG A 12 0.01 -1.60 -3.37
C ARG A 12 0.49 -0.22 -3.83
N TYR A 13 0.94 -0.17 -5.08
CA TYR A 13 1.43 1.08 -5.64
C TYR A 13 0.53 1.54 -6.80
N THR A 14 0.44 2.85 -6.94
CA THR A 14 -0.38 3.43 -8.00
C THR A 14 0.34 4.64 -8.61
N ARG A 15 0.00 5.81 -8.11
CA ARG A 15 0.59 7.04 -8.60
C ARG A 15 2.11 7.00 -8.43
N GLU A 16 2.75 8.09 -8.84
CA GLU A 16 4.20 8.18 -8.74
C GLU A 16 4.70 7.42 -7.52
N GLY A 17 4.24 7.85 -6.35
CA GLY A 17 4.63 7.21 -5.11
C GLY A 17 3.50 7.29 -4.08
N VAL A 18 2.29 7.05 -4.55
CA VAL A 18 1.12 7.09 -3.69
C VAL A 18 0.90 5.70 -3.08
N ARG A 19 1.71 4.76 -3.51
CA ARG A 19 1.62 3.40 -3.03
C ARG A 19 1.30 3.40 -1.53
N TYR A 20 0.77 2.27 -1.07
CA TYR A 20 0.42 2.13 0.33
C TYR A 20 0.69 0.71 0.82
N PHE A 21 0.76 0.57 2.15
CA PHE A 21 1.02 -0.72 2.75
C PHE A 21 -0.05 -1.05 3.81
N VAL A 22 -0.40 -2.32 3.88
CA VAL A 22 -1.38 -2.78 4.83
C VAL A 22 -1.02 -4.18 5.31
N ASP A 23 -0.55 -4.25 6.55
CA ASP A 23 -0.16 -5.52 7.13
C ASP A 23 -1.42 -6.28 7.56
N HIS A 24 -1.28 -7.61 7.58
CA HIS A 24 -2.39 -8.46 7.97
C HIS A 24 -3.15 -7.83 9.14
N ASN A 25 -2.42 -7.05 9.92
CA ASN A 25 -3.00 -6.37 11.07
C ASN A 25 -2.65 -4.89 11.02
N THR A 26 -3.45 -4.09 11.73
CA THR A 26 -3.23 -2.66 11.77
C THR A 26 -1.81 -2.34 12.23
N ARG A 27 -1.05 -3.41 12.46
CA ARG A 27 0.32 -3.26 12.90
C ARG A 27 1.10 -2.37 11.94
N THR A 28 0.87 -2.60 10.66
CA THR A 28 1.54 -1.82 9.62
C THR A 28 0.56 -1.49 8.49
N THR A 29 0.07 -0.26 8.53
CA THR A 29 -0.88 0.19 7.51
C THR A 29 -0.49 1.59 7.02
N THR A 30 0.06 1.63 5.81
CA THR A 30 0.47 2.89 5.22
C THR A 30 -0.65 3.47 4.35
N PHE A 31 -0.99 4.71 4.63
CA PHE A 31 -2.04 5.38 3.88
C PHE A 31 -1.49 6.58 3.11
N LYS A 32 -1.62 6.50 1.79
CA LYS A 32 -1.14 7.57 0.93
C LYS A 32 -2.33 8.36 0.38
N ASP A 33 -2.03 9.52 -0.15
CA ASP A 33 -3.06 10.38 -0.71
C ASP A 33 -3.97 9.54 -1.61
N PRO A 34 -5.20 10.10 -1.87
CA PRO A 34 -6.16 9.42 -2.71
C PRO A 34 -5.77 9.51 -4.19
N ARG A 35 -4.58 10.05 -4.42
CA ARG A 35 -4.08 10.19 -5.78
C ARG A 35 -4.17 8.87 -6.53
N ASN A 36 -4.20 7.79 -5.76
CA ASN A 36 -4.29 6.46 -6.34
C ASN A 36 -5.65 6.29 -7.02
N GLY A 37 -6.51 7.27 -6.79
CA GLY A 37 -7.84 7.24 -7.37
C GLY A 37 -7.82 7.79 -8.80
N LYS A 38 -6.74 7.49 -9.50
CA LYS A 38 -6.58 7.94 -10.87
C LYS A 38 -7.95 7.96 -11.55
N SER A 39 -8.51 9.16 -11.64
CA SER A 39 -9.82 9.33 -12.27
C SER A 39 -9.64 9.57 -13.77
N ASN A 1 7.46 -1.92 -4.35
CA ASN A 1 6.90 -2.53 -3.15
C ASN A 1 7.94 -3.48 -2.54
N GLU A 2 8.50 -3.05 -1.41
CA GLU A 2 9.50 -3.84 -0.73
C GLU A 2 9.09 -5.32 -0.71
N GLU A 3 7.85 -5.55 -0.32
CA GLU A 3 7.33 -6.90 -0.26
C GLU A 3 6.40 -7.17 -1.45
N PRO A 4 6.27 -8.48 -1.79
CA PRO A 4 5.42 -8.88 -2.90
C PRO A 4 3.94 -8.79 -2.52
N LEU A 5 3.53 -9.68 -1.61
CA LEU A 5 2.16 -9.71 -1.16
C LEU A 5 1.94 -10.93 -0.26
N PRO A 6 2.23 -12.12 -0.85
CA PRO A 6 2.08 -13.37 -0.12
C PRO A 6 3.20 -13.56 0.89
N GLU A 7 3.38 -12.55 1.73
CA GLU A 7 4.42 -12.59 2.75
C GLU A 7 3.80 -12.48 4.14
N GLY A 8 3.23 -11.31 4.40
CA GLY A 8 2.60 -11.05 5.69
C GLY A 8 1.75 -9.78 5.64
N TRP A 9 2.30 -8.76 4.98
CA TRP A 9 1.61 -7.50 4.86
C TRP A 9 1.21 -7.31 3.39
N GLU A 10 0.23 -6.45 3.19
CA GLU A 10 -0.26 -6.19 1.85
C GLU A 10 0.20 -4.80 1.38
N ILE A 11 0.91 -4.80 0.26
CA ILE A 11 1.43 -3.56 -0.30
C ILE A 11 0.85 -3.37 -1.70
N ARG A 12 0.41 -2.15 -1.97
CA ARG A 12 -0.17 -1.83 -3.27
C ARG A 12 0.33 -0.46 -3.73
N TYR A 13 0.94 -0.45 -4.91
CA TYR A 13 1.46 0.78 -5.48
C TYR A 13 0.49 1.36 -6.50
N THR A 14 0.53 2.69 -6.62
CA THR A 14 -0.34 3.38 -7.55
C THR A 14 0.42 4.51 -8.25
N ARG A 15 0.15 5.73 -7.81
CA ARG A 15 0.80 6.89 -8.39
C ARG A 15 2.32 6.81 -8.18
N GLU A 16 3.01 7.84 -8.66
CA GLU A 16 4.45 7.89 -8.53
C GLU A 16 4.90 7.18 -7.25
N GLY A 17 4.40 7.70 -6.13
CA GLY A 17 4.74 7.13 -4.84
C GLY A 17 3.56 7.19 -3.88
N VAL A 18 2.38 6.91 -4.43
CA VAL A 18 1.16 6.94 -3.64
C VAL A 18 0.93 5.54 -3.05
N ARG A 19 1.80 4.61 -3.42
CA ARG A 19 1.69 3.25 -2.93
C ARG A 19 1.23 3.25 -1.48
N TYR A 20 0.71 2.10 -1.06
CA TYR A 20 0.23 1.95 0.31
C TYR A 20 0.38 0.51 0.79
N PHE A 21 0.46 0.35 2.10
CA PHE A 21 0.60 -0.96 2.70
C PHE A 21 -0.44 -1.19 3.80
N VAL A 22 -0.85 -2.44 3.93
CA VAL A 22 -1.83 -2.80 4.94
C VAL A 22 -1.54 -4.20 5.46
N ASP A 23 -1.01 -4.26 6.67
CA ASP A 23 -0.68 -5.53 7.29
C ASP A 23 -1.96 -6.21 7.76
N HIS A 24 -1.90 -7.53 7.86
CA HIS A 24 -3.04 -8.31 8.29
C HIS A 24 -3.74 -7.58 9.44
N ASN A 25 -2.96 -6.81 10.18
CA ASN A 25 -3.49 -6.06 11.30
C ASN A 25 -3.06 -4.60 11.18
N THR A 26 -3.82 -3.73 11.85
CA THR A 26 -3.54 -2.31 11.82
C THR A 26 -2.09 -2.04 12.27
N ARG A 27 -1.40 -3.14 12.56
CA ARG A 27 -0.02 -3.03 13.00
C ARG A 27 0.82 -2.24 11.99
N THR A 28 0.56 -2.53 10.72
CA THR A 28 1.27 -1.86 9.65
C THR A 28 0.32 -1.52 8.50
N THR A 29 -0.11 -0.27 8.47
CA THR A 29 -1.03 0.18 7.44
C THR A 29 -0.59 1.55 6.90
N THR A 30 -0.01 1.52 5.71
CA THR A 30 0.46 2.74 5.07
C THR A 30 -0.61 3.30 4.13
N PHE A 31 -0.98 4.54 4.39
CA PHE A 31 -1.99 5.21 3.58
C PHE A 31 -1.42 6.45 2.89
N LYS A 32 -1.46 6.42 1.57
CA LYS A 32 -0.95 7.54 0.78
C LYS A 32 -2.13 8.29 0.17
N ASP A 33 -1.83 9.51 -0.29
CA ASP A 33 -2.85 10.35 -0.90
C ASP A 33 -3.65 9.52 -1.90
N PRO A 34 -4.97 9.86 -2.01
CA PRO A 34 -5.85 9.15 -2.92
C PRO A 34 -5.59 9.58 -4.37
N ARG A 35 -4.33 9.60 -4.72
CA ARG A 35 -3.92 9.98 -6.07
C ARG A 35 -4.33 8.90 -7.07
N ASN A 36 -4.30 7.66 -6.59
CA ASN A 36 -4.66 6.53 -7.43
C ASN A 36 -6.10 6.70 -7.93
N GLY A 37 -6.81 7.62 -7.29
CA GLY A 37 -8.19 7.88 -7.64
C GLY A 37 -8.27 8.82 -8.85
N LYS A 38 -7.37 8.60 -9.79
CA LYS A 38 -7.32 9.42 -10.99
C LYS A 38 -8.75 9.82 -11.38
N SER A 39 -8.89 11.09 -11.74
CA SER A 39 -10.20 11.60 -12.14
C SER A 39 -10.44 11.33 -13.63
N ASN A 1 7.13 -0.85 -3.92
CA ASN A 1 6.74 -1.89 -2.96
C ASN A 1 7.96 -2.73 -2.62
N GLU A 2 8.19 -2.89 -1.33
CA GLU A 2 9.31 -3.67 -0.85
C GLU A 2 8.99 -5.16 -0.90
N GLU A 3 7.85 -5.50 -0.30
CA GLU A 3 7.42 -6.89 -0.27
C GLU A 3 6.48 -7.17 -1.45
N PRO A 4 6.62 -8.41 -2.00
CA PRO A 4 5.81 -8.81 -3.13
C PRO A 4 4.37 -9.15 -2.67
N LEU A 5 3.77 -8.19 -2.01
CA LEU A 5 2.41 -8.35 -1.52
C LEU A 5 2.23 -9.79 -1.03
N PRO A 6 3.14 -10.20 -0.10
CA PRO A 6 3.09 -11.54 0.45
C PRO A 6 1.95 -11.68 1.47
N GLU A 7 2.06 -12.71 2.30
CA GLU A 7 1.05 -12.95 3.32
C GLU A 7 1.29 -12.05 4.52
N GLY A 8 2.54 -12.01 4.96
CA GLY A 8 2.91 -11.21 6.11
C GLY A 8 2.29 -9.81 6.02
N TRP A 9 2.70 -9.07 5.00
CA TRP A 9 2.19 -7.73 4.79
C TRP A 9 1.78 -7.59 3.33
N GLU A 10 0.93 -6.62 3.07
CA GLU A 10 0.46 -6.38 1.72
C GLU A 10 0.74 -4.93 1.30
N ILE A 11 1.42 -4.79 0.18
CA ILE A 11 1.76 -3.47 -0.34
C ILE A 11 1.17 -3.31 -1.73
N ARG A 12 0.38 -2.26 -1.89
CA ARG A 12 -0.25 -1.99 -3.18
C ARG A 12 0.23 -0.64 -3.71
N TYR A 13 0.47 -0.61 -5.02
CA TYR A 13 0.93 0.60 -5.66
C TYR A 13 -0.12 1.14 -6.65
N THR A 14 -0.11 2.44 -6.83
CA THR A 14 -1.05 3.09 -7.73
C THR A 14 -0.35 4.19 -8.53
N ARG A 15 0.12 5.19 -7.80
CA ARG A 15 0.80 6.32 -8.43
C ARG A 15 2.32 6.14 -8.33
N GLU A 16 3.03 7.11 -8.88
CA GLU A 16 4.49 7.06 -8.87
C GLU A 16 4.99 6.43 -7.56
N GLY A 17 4.50 6.96 -6.45
CA GLY A 17 4.88 6.46 -5.15
C GLY A 17 3.75 6.63 -4.13
N VAL A 18 2.53 6.47 -4.62
CA VAL A 18 1.36 6.61 -3.77
C VAL A 18 1.02 5.25 -3.14
N ARG A 19 1.74 4.23 -3.60
CA ARG A 19 1.53 2.89 -3.09
C ARG A 19 1.29 2.92 -1.57
N TYR A 20 0.59 1.90 -1.09
CA TYR A 20 0.29 1.80 0.32
C TYR A 20 0.64 0.43 0.87
N PHE A 21 0.64 0.33 2.19
CA PHE A 21 0.97 -0.92 2.84
C PHE A 21 -0.07 -1.27 3.91
N VAL A 22 -0.33 -2.57 4.04
CA VAL A 22 -1.30 -3.05 5.00
C VAL A 22 -0.85 -4.41 5.55
N ASP A 23 -0.41 -4.40 6.80
CA ASP A 23 0.04 -5.62 7.44
C ASP A 23 -1.17 -6.49 7.79
N HIS A 24 -0.90 -7.77 7.97
CA HIS A 24 -1.95 -8.72 8.31
C HIS A 24 -2.91 -8.09 9.31
N ASN A 25 -2.37 -7.17 10.10
CA ASN A 25 -3.18 -6.48 11.10
C ASN A 25 -2.94 -4.97 10.98
N THR A 26 -3.91 -4.21 11.47
CA THR A 26 -3.82 -2.77 11.42
C THR A 26 -2.53 -2.29 12.08
N ARG A 27 -1.74 -3.25 12.53
CA ARG A 27 -0.47 -2.95 13.18
C ARG A 27 0.39 -2.09 12.27
N THR A 28 0.38 -2.44 10.99
CA THR A 28 1.17 -1.71 10.00
C THR A 28 0.34 -1.49 8.73
N THR A 29 -0.18 -0.28 8.61
CA THR A 29 -0.98 0.07 7.45
C THR A 29 -0.61 1.47 6.95
N THR A 30 -0.10 1.51 5.74
CA THR A 30 0.30 2.78 5.14
C THR A 30 -0.82 3.31 4.24
N PHE A 31 -1.22 4.55 4.52
CA PHE A 31 -2.27 5.19 3.76
C PHE A 31 -1.76 6.46 3.07
N LYS A 32 -1.82 6.45 1.75
CA LYS A 32 -1.36 7.59 0.97
C LYS A 32 -2.57 8.30 0.37
N ASP A 33 -2.34 9.53 -0.06
CA ASP A 33 -3.41 10.34 -0.65
C ASP A 33 -4.11 9.51 -1.73
N PRO A 34 -5.40 9.86 -1.97
CA PRO A 34 -6.19 9.17 -2.98
C PRO A 34 -5.78 9.58 -4.38
N ARG A 35 -4.48 9.45 -4.65
CA ARG A 35 -3.95 9.81 -5.95
C ARG A 35 -4.41 8.81 -7.01
N ASN A 36 -4.65 7.59 -6.56
CA ASN A 36 -5.10 6.53 -7.45
C ASN A 36 -6.44 6.93 -8.07
N GLY A 37 -7.06 7.93 -7.47
CA GLY A 37 -8.34 8.43 -7.96
C GLY A 37 -8.16 9.38 -9.13
N LYS A 38 -7.21 9.03 -10.01
CA LYS A 38 -6.93 9.84 -11.17
C LYS A 38 -8.23 10.47 -11.67
N SER A 39 -8.20 11.80 -11.76
CA SER A 39 -9.37 12.54 -12.22
C SER A 39 -9.15 13.02 -13.65
N ASN A 1 8.00 -1.77 -4.53
CA ASN A 1 7.15 -2.72 -3.83
C ASN A 1 8.02 -3.73 -3.08
N GLU A 2 8.41 -3.36 -1.88
CA GLU A 2 9.24 -4.23 -1.07
C GLU A 2 8.74 -5.67 -1.15
N GLU A 3 7.67 -5.94 -0.40
CA GLU A 3 7.09 -7.26 -0.38
C GLU A 3 6.11 -7.44 -1.55
N PRO A 4 6.13 -8.66 -2.15
CA PRO A 4 5.26 -8.96 -3.27
C PRO A 4 3.82 -9.18 -2.79
N LEU A 5 3.30 -8.18 -2.08
CA LEU A 5 1.95 -8.25 -1.57
C LEU A 5 1.66 -9.68 -1.09
N PRO A 6 2.56 -10.18 -0.20
CA PRO A 6 2.40 -11.52 0.34
C PRO A 6 1.28 -11.57 1.38
N GLU A 7 1.32 -12.62 2.19
CA GLU A 7 0.31 -12.80 3.23
C GLU A 7 0.62 -11.89 4.42
N GLY A 8 1.87 -11.92 4.84
CA GLY A 8 2.31 -11.11 5.97
C GLY A 8 1.74 -9.70 5.88
N TRP A 9 2.16 -8.99 4.84
CA TRP A 9 1.70 -7.63 4.64
C TRP A 9 1.36 -7.46 3.16
N GLU A 10 0.55 -6.45 2.87
CA GLU A 10 0.14 -6.18 1.50
C GLU A 10 0.59 -4.78 1.09
N ILE A 11 1.41 -4.74 0.04
CA ILE A 11 1.92 -3.47 -0.46
C ILE A 11 1.48 -3.31 -1.93
N ARG A 12 0.94 -2.13 -2.21
CA ARG A 12 0.48 -1.83 -3.56
C ARG A 12 0.89 -0.41 -3.95
N TYR A 13 1.65 -0.32 -5.04
CA TYR A 13 2.11 0.97 -5.53
C TYR A 13 1.14 1.53 -6.57
N THR A 14 1.10 2.86 -6.63
CA THR A 14 0.23 3.53 -7.58
C THR A 14 0.97 4.71 -8.22
N ARG A 15 0.54 5.91 -7.85
CA ARG A 15 1.15 7.12 -8.39
C ARG A 15 2.66 7.12 -8.11
N GLU A 16 3.30 8.18 -8.58
CA GLU A 16 4.74 8.32 -8.40
C GLU A 16 5.17 7.70 -7.06
N GLY A 17 4.57 8.18 -6.00
CA GLY A 17 4.88 7.69 -4.67
C GLY A 17 3.62 7.62 -3.80
N VAL A 18 2.53 7.21 -4.43
CA VAL A 18 1.25 7.10 -3.74
C VAL A 18 1.13 5.69 -3.15
N ARG A 19 2.11 4.86 -3.47
CA ARG A 19 2.12 3.49 -2.98
C ARG A 19 1.59 3.44 -1.54
N TYR A 20 1.20 2.23 -1.14
CA TYR A 20 0.67 2.03 0.20
C TYR A 20 0.91 0.60 0.68
N PHE A 21 0.76 0.41 1.98
CA PHE A 21 0.96 -0.90 2.57
C PHE A 21 -0.09 -1.19 3.64
N VAL A 22 -0.43 -2.46 3.76
CA VAL A 22 -1.43 -2.87 4.74
C VAL A 22 -1.05 -4.26 5.29
N ASP A 23 -0.69 -4.27 6.56
CA ASP A 23 -0.31 -5.52 7.21
C ASP A 23 -1.57 -6.29 7.61
N HIS A 24 -1.40 -7.59 7.74
CA HIS A 24 -2.51 -8.45 8.11
C HIS A 24 -3.36 -7.77 9.18
N ASN A 25 -2.70 -6.93 9.96
CA ASN A 25 -3.37 -6.20 11.02
C ASN A 25 -3.05 -4.71 10.91
N THR A 26 -3.92 -3.89 11.49
CA THR A 26 -3.72 -2.46 11.47
C THR A 26 -2.35 -2.09 12.03
N ARG A 27 -1.60 -3.12 12.40
CA ARG A 27 -0.27 -2.92 12.95
C ARG A 27 0.58 -2.09 11.99
N THR A 28 0.48 -2.43 10.72
CA THR A 28 1.23 -1.73 9.69
C THR A 28 0.36 -1.46 8.47
N THR A 29 -0.15 -0.23 8.39
CA THR A 29 -0.99 0.15 7.28
C THR A 29 -0.62 1.55 6.78
N THR A 30 -0.06 1.59 5.58
CA THR A 30 0.36 2.84 4.98
C THR A 30 -0.76 3.40 4.09
N PHE A 31 -1.13 4.64 4.37
CA PHE A 31 -2.17 5.29 3.60
C PHE A 31 -1.62 6.49 2.83
N LYS A 32 -1.81 6.45 1.52
CA LYS A 32 -1.33 7.52 0.66
C LYS A 32 -2.53 8.36 0.19
N ASP A 33 -2.22 9.54 -0.33
CA ASP A 33 -3.25 10.44 -0.82
C ASP A 33 -4.22 9.66 -1.69
N PRO A 34 -5.37 10.33 -2.02
CA PRO A 34 -6.38 9.70 -2.84
C PRO A 34 -5.96 9.66 -4.31
N ARG A 35 -4.73 10.12 -4.55
CA ARG A 35 -4.19 10.13 -5.90
C ARG A 35 -4.32 8.74 -6.54
N ASN A 36 -4.22 7.73 -5.70
CA ASN A 36 -4.33 6.36 -6.18
C ASN A 36 -5.70 6.15 -6.80
N GLY A 37 -6.65 6.97 -6.37
CA GLY A 37 -8.01 6.88 -6.89
C GLY A 37 -8.12 7.56 -8.25
N LYS A 38 -7.16 7.27 -9.10
CA LYS A 38 -7.13 7.85 -10.44
C LYS A 38 -8.57 8.03 -10.93
N SER A 39 -8.90 9.29 -11.24
CA SER A 39 -10.23 9.61 -11.72
C SER A 39 -10.32 9.36 -13.23
N ASN A 1 6.87 -0.18 -3.11
CA ASN A 1 6.62 -1.51 -2.58
C ASN A 1 7.93 -2.14 -2.12
N GLU A 2 7.90 -2.67 -0.91
CA GLU A 2 9.07 -3.31 -0.33
C GLU A 2 8.90 -4.83 -0.30
N GLU A 3 7.78 -5.25 0.26
CA GLU A 3 7.48 -6.67 0.35
C GLU A 3 6.73 -7.14 -0.89
N PRO A 4 6.56 -8.49 -0.99
CA PRO A 4 5.87 -9.08 -2.12
C PRO A 4 4.36 -8.85 -2.01
N LEU A 5 3.75 -9.61 -1.11
CA LEU A 5 2.31 -9.51 -0.91
C LEU A 5 1.86 -10.60 0.07
N PRO A 6 2.16 -11.87 -0.31
CA PRO A 6 1.79 -13.00 0.52
C PRO A 6 2.72 -13.11 1.73
N GLU A 7 3.78 -12.32 1.70
CA GLU A 7 4.75 -12.32 2.79
C GLU A 7 4.04 -12.24 4.14
N GLY A 8 3.39 -11.12 4.37
CA GLY A 8 2.67 -10.91 5.61
C GLY A 8 1.71 -9.71 5.49
N TRP A 9 2.20 -8.66 4.84
CA TRP A 9 1.41 -7.46 4.67
C TRP A 9 1.17 -7.28 3.17
N GLU A 10 0.16 -6.47 2.86
CA GLU A 10 -0.19 -6.20 1.47
C GLU A 10 0.28 -4.81 1.06
N ILE A 11 1.03 -4.77 -0.03
CA ILE A 11 1.55 -3.51 -0.54
C ILE A 11 1.03 -3.28 -1.96
N ARG A 12 0.34 -2.17 -2.14
CA ARG A 12 -0.21 -1.83 -3.43
C ARG A 12 0.36 -0.49 -3.92
N TYR A 13 0.65 -0.44 -5.22
CA TYR A 13 1.20 0.76 -5.82
C TYR A 13 0.22 1.37 -6.82
N THR A 14 0.31 2.68 -6.98
CA THR A 14 -0.56 3.39 -7.90
C THR A 14 0.24 4.45 -8.67
N ARG A 15 0.47 5.57 -8.01
CA ARG A 15 1.22 6.66 -8.60
C ARG A 15 2.72 6.43 -8.45
N GLU A 16 3.49 7.38 -8.96
CA GLU A 16 4.94 7.30 -8.89
C GLU A 16 5.36 6.53 -7.64
N GLY A 17 4.96 7.06 -6.49
CA GLY A 17 5.29 6.44 -5.22
C GLY A 17 4.17 6.66 -4.19
N VAL A 18 2.95 6.57 -4.68
CA VAL A 18 1.79 6.76 -3.82
C VAL A 18 1.38 5.41 -3.22
N ARG A 19 2.06 4.37 -3.67
CA ARG A 19 1.79 3.02 -3.19
C ARG A 19 1.47 3.06 -1.69
N TYR A 20 0.76 2.02 -1.25
CA TYR A 20 0.38 1.92 0.15
C TYR A 20 0.53 0.48 0.66
N PHE A 21 0.58 0.35 1.98
CA PHE A 21 0.72 -0.96 2.59
C PHE A 21 -0.36 -1.19 3.64
N VAL A 22 -0.82 -2.43 3.72
CA VAL A 22 -1.85 -2.80 4.67
C VAL A 22 -1.60 -4.22 5.17
N ASP A 23 -1.15 -4.31 6.41
CA ASP A 23 -0.87 -5.59 7.03
C ASP A 23 -2.18 -6.25 7.46
N HIS A 24 -2.16 -7.57 7.52
CA HIS A 24 -3.35 -8.32 7.92
C HIS A 24 -4.02 -7.60 9.09
N ASN A 25 -3.22 -6.88 9.85
CA ASN A 25 -3.74 -6.16 11.00
C ASN A 25 -3.26 -4.71 10.93
N THR A 26 -3.97 -3.85 11.63
CA THR A 26 -3.62 -2.43 11.66
C THR A 26 -2.17 -2.25 12.10
N ARG A 27 -1.50 -3.37 12.32
CA ARG A 27 -0.10 -3.34 12.74
C ARG A 27 0.72 -2.52 11.74
N THR A 28 0.46 -2.75 10.46
CA THR A 28 1.17 -2.04 9.42
C THR A 28 0.21 -1.64 8.30
N THR A 29 -0.19 -0.37 8.34
CA THR A 29 -1.11 0.15 7.33
C THR A 29 -0.62 1.51 6.83
N THR A 30 -0.07 1.49 5.63
CA THR A 30 0.43 2.72 5.02
C THR A 30 -0.65 3.35 4.14
N PHE A 31 -0.91 4.63 4.40
CA PHE A 31 -1.90 5.36 3.64
C PHE A 31 -1.27 6.52 2.88
N LYS A 32 -1.40 6.45 1.56
CA LYS A 32 -0.85 7.49 0.70
C LYS A 32 -1.98 8.34 0.14
N ASP A 33 -1.60 9.50 -0.38
CA ASP A 33 -2.57 10.42 -0.95
C ASP A 33 -3.51 9.65 -1.89
N PRO A 34 -4.71 10.24 -2.10
CA PRO A 34 -5.70 9.61 -2.97
C PRO A 34 -5.32 9.77 -4.44
N ARG A 35 -4.09 9.37 -4.75
CA ARG A 35 -3.60 9.46 -6.11
C ARG A 35 -4.32 8.45 -7.01
N ASN A 36 -4.51 7.26 -6.47
CA ASN A 36 -5.18 6.19 -7.21
C ASN A 36 -6.65 6.58 -7.42
N GLY A 37 -7.04 7.65 -6.76
CA GLY A 37 -8.41 8.14 -6.87
C GLY A 37 -8.59 9.01 -8.11
N LYS A 38 -7.87 8.65 -9.16
CA LYS A 38 -7.93 9.39 -10.41
C LYS A 38 -9.35 9.92 -10.61
N SER A 39 -9.42 11.14 -11.13
CA SER A 39 -10.71 11.77 -11.37
C SER A 39 -10.86 12.10 -12.86
#